data_5OD0
#
_entry.id   5OD0
#
_cell.length_a   54.910
_cell.length_b   62.050
_cell.length_c   124.020
_cell.angle_alpha   90.00
_cell.angle_beta   90.00
_cell.angle_gamma   90.00
#
_symmetry.space_group_name_H-M   'P 21 21 21'
#
loop_
_entity.id
_entity.type
_entity.pdbx_description
1 polymer 'Fab fragment of ACPA E4 - Light chain'
2 polymer 'Fab fragment of ACPA E4 - heavy chain'
3 non-polymer GLYCEROL
4 water water
#
loop_
_entity_poly.entity_id
_entity_poly.type
_entity_poly.pdbx_seq_one_letter_code
_entity_poly.pdbx_strand_id
1 'polypeptide(L)'
;(PCA)SVWTQPPSVSAAPGQKVTISCSGDDSILRSAFVSWYQQVPGSAPKLVIFDDRQRPSGIPARFSGSNSGTTATLDI
AGLQRGDEADYYCAAWNGRLSAFVFGSGTKLTVLGQPKSSPSVTLFPPSSEELETNKATLVCTITDFYPGVVTVDWKVDG
TPVTQGMETTQPSKQSNNKYMASSYLTLTARAWERHSSYSCQVTHEGHTVEKSLSRADCS
;
L
2 'polypeptide(L)'
;(PCA)VQLEESGPGLVRPSETLSLSCTVSGFPMSESYFWGWIRQSPGKGLEWLGSVIHTGTTYYRPSLESRLTIAMDPSK
NQVSLSLTSVTVADSAMYYCVRIRGGSSNWLDPWGPGIVVTASSAKTTPPSVYPLAPGCGDTTGSSVTLGCLVKGYFPES
VTVTWNSGSLSSSVHTFPALLQSGLYTMSSSVTVPSSTWPSQTVTCSVAHPASSTTVDKKIEPR
;
H
#
# COMPACT_ATOMS: atom_id res chain seq x y z
N SER A 2 -5.89 -10.90 -16.05
CA SER A 2 -6.77 -10.00 -15.26
C SER A 2 -5.96 -8.85 -14.66
N VAL A 3 -4.65 -8.89 -14.84
CA VAL A 3 -3.70 -7.80 -14.47
C VAL A 3 -2.66 -7.77 -15.61
N TRP A 4 -2.33 -6.58 -16.12
CA TRP A 4 -1.26 -6.43 -17.13
C TRP A 4 0.08 -6.40 -16.42
N THR A 5 1.10 -7.00 -17.04
CA THR A 5 2.45 -7.03 -16.44
C THR A 5 3.20 -5.73 -16.67
N GLN A 6 3.63 -5.11 -15.57
CA GLN A 6 4.48 -3.92 -15.57
C GLN A 6 5.72 -4.20 -14.72
N PRO A 7 6.86 -3.54 -15.02
CA PRO A 7 8.00 -3.63 -14.10
C PRO A 7 7.67 -3.00 -12.71
N PRO A 8 8.22 -3.54 -11.62
CA PRO A 8 7.83 -2.94 -10.34
C PRO A 8 8.29 -1.49 -10.15
N SER A 9 9.46 -1.14 -10.67
CA SER A 9 9.97 0.22 -10.51
C SER A 9 10.97 0.63 -11.60
N VAL A 10 11.11 1.93 -11.76
CA VAL A 10 12.08 2.57 -12.66
C VAL A 10 12.60 3.82 -11.96
N SER A 11 13.80 4.25 -12.33
CA SER A 11 14.31 5.50 -11.81
C SER A 11 15.27 6.15 -12.78
N ALA A 12 15.33 7.46 -12.68
CA ALA A 12 16.27 8.25 -13.47
C ALA A 12 16.39 9.64 -12.85
N ALA A 13 17.48 10.33 -13.19
CA ALA A 13 17.72 11.70 -12.75
C ALA A 13 16.83 12.70 -13.48
N PRO A 14 16.62 13.88 -12.85
CA PRO A 14 15.90 14.96 -13.52
C PRO A 14 16.53 15.24 -14.86
N GLY A 15 15.69 15.49 -15.85
CA GLY A 15 16.13 15.79 -17.20
C GLY A 15 16.30 14.55 -18.08
N GLN A 16 16.37 13.37 -17.46
CA GLN A 16 16.53 12.13 -18.19
C GLN A 16 15.14 11.62 -18.62
N LYS A 17 15.09 10.40 -19.12
CA LYS A 17 13.82 9.78 -19.51
C LYS A 17 13.69 8.38 -18.92
N VAL A 18 12.46 7.91 -18.81
CA VAL A 18 12.17 6.52 -18.53
C VAL A 18 11.13 6.00 -19.50
N THR A 19 11.11 4.68 -19.59
CA THR A 19 10.14 3.92 -20.36
CA THR A 19 10.10 3.97 -20.34
C THR A 19 9.48 2.90 -19.44
N ILE A 20 8.15 2.81 -19.47
CA ILE A 20 7.39 1.88 -18.64
C ILE A 20 6.54 1.00 -19.53
N SER A 21 6.77 -0.32 -19.47
CA SER A 21 6.05 -1.29 -20.26
C SER A 21 4.82 -1.85 -19.54
N CYS A 22 3.91 -2.37 -20.36
CA CYS A 22 2.62 -2.87 -19.93
C CYS A 22 2.25 -3.95 -20.93
N SER A 23 2.23 -5.21 -20.50
CA SER A 23 2.01 -6.30 -21.46
CA SER A 23 2.06 -6.34 -21.44
C SER A 23 0.92 -7.26 -21.05
N GLY A 24 0.28 -7.85 -22.06
CA GLY A 24 -0.74 -8.87 -21.88
C GLY A 24 -0.36 -10.08 -22.70
N ASP A 25 -1.26 -11.05 -22.75
CA ASP A 25 -1.04 -12.27 -23.51
C ASP A 25 -1.02 -11.97 -24.99
N ASP A 26 -0.15 -12.67 -25.70
CA ASP A 26 -0.06 -12.64 -27.15
C ASP A 26 -0.26 -11.21 -27.66
N SER A 27 -1.24 -10.93 -28.51
CA SER A 27 -1.47 -9.57 -28.98
C SER A 27 -2.84 -9.04 -28.55
N ILE A 28 -3.19 -9.29 -27.29
CA ILE A 28 -4.46 -8.85 -26.74
C ILE A 28 -4.61 -7.32 -26.70
N LEU A 29 -3.50 -6.60 -26.53
CA LEU A 29 -3.56 -5.13 -26.45
C LEU A 29 -3.75 -4.45 -27.80
N ARG A 30 -3.66 -5.19 -28.90
CA ARG A 30 -3.96 -4.59 -30.21
C ARG A 30 -5.45 -4.30 -30.33
N SER A 31 -6.24 -5.08 -29.59
CA SER A 31 -7.70 -5.04 -29.64
C SER A 31 -8.34 -3.98 -28.71
N ALA A 32 -7.54 -3.29 -27.89
CA ALA A 32 -8.10 -2.41 -26.89
C ALA A 32 -7.31 -1.11 -26.86
N PHE A 33 -7.97 -0.02 -26.49
CA PHE A 33 -7.30 1.25 -26.22
C PHE A 33 -6.72 1.25 -24.82
N VAL A 34 -5.41 1.54 -24.73
CA VAL A 34 -4.71 1.55 -23.44
C VAL A 34 -4.69 2.99 -22.91
N SER A 35 -4.95 3.12 -21.60
CA SER A 35 -4.82 4.39 -20.90
C SER A 35 -3.79 4.28 -19.79
N TRP A 36 -3.22 5.40 -19.40
CA TRP A 36 -2.20 5.43 -18.35
C TRP A 36 -2.59 6.42 -17.30
N TYR A 37 -2.30 6.06 -16.05
CA TYR A 37 -2.67 6.83 -14.86
C TYR A 37 -1.45 7.07 -13.98
N GLN A 38 -1.38 8.27 -13.42
CA GLN A 38 -0.34 8.68 -12.50
C GLN A 38 -0.94 8.81 -11.10
N GLN A 39 -0.35 8.14 -10.13
CA GLN A 39 -0.82 8.22 -8.75
C GLN A 39 0.30 8.55 -7.79
N VAL A 40 0.18 9.67 -7.09
N VAL A 40 0.29 9.80 -7.30
CA VAL A 40 0.93 9.81 -5.84
CA VAL A 40 1.24 10.30 -6.30
C VAL A 40 0.25 8.96 -4.75
C VAL A 40 0.72 9.97 -4.90
N PRO A 41 0.96 7.94 -4.17
N PRO A 41 1.63 9.82 -3.90
CA PRO A 41 0.34 7.04 -3.16
CA PRO A 41 1.35 9.18 -2.59
C PRO A 41 -0.60 7.68 -2.11
C PRO A 41 0.02 9.48 -1.88
N GLY A 42 -0.29 8.90 -1.66
N GLY A 42 -0.72 8.41 -1.58
CA GLY A 42 -1.27 9.74 -0.92
CA GLY A 42 -1.98 8.45 -0.83
C GLY A 42 -2.55 10.23 -1.62
C GLY A 42 -3.23 8.94 -1.57
N SER A 43 -2.75 9.94 -2.92
N SER A 43 -3.03 9.38 -2.81
CA SER A 43 -3.92 10.49 -3.64
CA SER A 43 -4.01 10.23 -3.50
C SER A 43 -4.52 9.60 -4.74
C SER A 43 -4.58 9.51 -4.72
N ALA A 44 -5.63 10.04 -5.33
CA ALA A 44 -6.29 9.32 -6.43
C ALA A 44 -5.45 9.33 -7.71
N PRO A 45 -5.55 8.27 -8.52
CA PRO A 45 -4.94 8.33 -9.84
C PRO A 45 -5.48 9.43 -10.73
N LYS A 46 -4.65 9.86 -11.68
CA LYS A 46 -4.97 10.89 -12.63
C LYS A 46 -4.61 10.40 -14.02
N LEU A 47 -5.52 10.60 -14.98
CA LEU A 47 -5.31 10.21 -16.36
C LEU A 47 -4.20 11.05 -17.02
N VAL A 48 -3.22 10.39 -17.62
CA VAL A 48 -2.13 11.08 -18.35
C VAL A 48 -2.05 10.73 -19.83
N ILE A 49 -2.49 9.53 -20.23
CA ILE A 49 -2.56 9.14 -21.64
C ILE A 49 -3.87 8.40 -21.85
N PHE A 50 -4.56 8.64 -22.97
CA PHE A 50 -5.72 7.83 -23.32
C PHE A 50 -5.63 7.40 -24.79
N ASP A 51 -6.39 6.36 -25.11
CA ASP A 51 -6.45 5.87 -26.51
C ASP A 51 -5.04 5.64 -27.07
N ASP A 52 -4.25 4.92 -26.26
CA ASP A 52 -2.86 4.52 -26.53
C ASP A 52 -1.82 5.63 -26.50
N ARG A 53 -2.13 6.81 -27.06
CA ARG A 53 -1.11 7.82 -27.31
CA ARG A 53 -1.12 7.81 -27.38
C ARG A 53 -1.60 9.25 -27.25
N GLN A 54 -2.84 9.49 -26.84
CA GLN A 54 -3.36 10.85 -26.77
C GLN A 54 -3.20 11.43 -25.37
N ARG A 55 -3.02 12.75 -25.29
CA ARG A 55 -2.86 13.45 -24.02
C ARG A 55 -4.10 14.28 -23.69
N PRO A 56 -4.61 14.16 -22.45
CA PRO A 56 -5.68 15.07 -22.01
C PRO A 56 -5.15 16.48 -21.84
N SER A 57 -6.07 17.45 -21.76
CA SER A 57 -5.73 18.84 -21.48
C SER A 57 -4.82 18.93 -20.27
N GLY A 58 -3.71 19.64 -20.42
CA GLY A 58 -2.80 19.93 -19.29
C GLY A 58 -1.61 19.02 -19.16
N ILE A 59 -1.58 17.92 -19.92
CA ILE A 59 -0.49 16.97 -19.89
C ILE A 59 0.49 17.33 -21.00
N PRO A 60 1.76 17.58 -20.64
CA PRO A 60 2.72 18.00 -21.64
C PRO A 60 3.19 16.88 -22.55
N ALA A 61 3.76 17.28 -23.69
CA ALA A 61 4.23 16.36 -24.73
C ALA A 61 5.42 15.53 -24.28
N ARG A 62 5.96 15.86 -23.09
CA ARG A 62 6.96 15.00 -22.42
C ARG A 62 6.46 13.58 -22.17
N PHE A 63 5.15 13.43 -22.00
CA PHE A 63 4.51 12.13 -21.84
C PHE A 63 4.05 11.65 -23.21
N SER A 64 4.43 10.43 -23.59
CA SER A 64 3.98 9.84 -24.84
C SER A 64 3.63 8.36 -24.64
N GLY A 65 2.74 7.85 -25.48
CA GLY A 65 2.28 6.46 -25.40
C GLY A 65 2.50 5.73 -26.70
N SER A 66 2.73 4.43 -26.61
CA SER A 66 2.76 3.57 -27.78
CA SER A 66 2.85 3.53 -27.74
C SER A 66 2.10 2.22 -27.45
N ASN A 67 1.68 1.53 -28.50
CA ASN A 67 1.06 0.21 -28.33
C ASN A 67 1.51 -0.66 -29.51
N SER A 68 2.27 -1.69 -29.21
CA SER A 68 2.81 -2.63 -30.19
CA SER A 68 2.79 -2.62 -30.22
C SER A 68 1.82 -3.74 -30.53
N GLY A 69 0.69 -3.78 -29.84
CA GLY A 69 -0.27 -4.85 -30.01
C GLY A 69 -0.06 -5.92 -28.96
N THR A 70 1.18 -6.13 -28.54
CA THR A 70 1.53 -7.01 -27.42
C THR A 70 1.88 -6.23 -26.15
N THR A 71 2.62 -5.12 -26.28
CA THR A 71 3.10 -4.35 -25.15
C THR A 71 2.76 -2.89 -25.42
N ALA A 72 2.20 -2.23 -24.42
CA ALA A 72 2.02 -0.78 -24.44
C ALA A 72 3.14 -0.15 -23.63
N THR A 73 3.54 1.05 -24.01
CA THR A 73 4.64 1.72 -23.35
C THR A 73 4.31 3.18 -23.06
N LEU A 74 4.66 3.64 -21.86
CA LEU A 74 4.60 5.04 -21.48
C LEU A 74 6.05 5.53 -21.45
N ASP A 75 6.33 6.59 -22.19
CA ASP A 75 7.61 7.27 -22.19
C ASP A 75 7.46 8.61 -21.51
N ILE A 76 8.31 8.88 -20.53
CA ILE A 76 8.32 10.13 -19.81
C ILE A 76 9.70 10.76 -19.95
N ALA A 77 9.78 11.79 -20.78
CA ALA A 77 11.02 12.50 -21.11
C ALA A 77 11.11 13.79 -20.29
N GLY A 78 12.31 14.35 -20.17
CA GLY A 78 12.51 15.62 -19.48
C GLY A 78 12.04 15.55 -18.03
N LEU A 79 12.45 14.49 -17.34
CA LEU A 79 11.91 14.18 -16.01
C LEU A 79 12.03 15.34 -15.05
N GLN A 80 10.96 15.56 -14.30
CA GLN A 80 10.88 16.59 -13.29
C GLN A 80 10.45 15.93 -12.01
N ARG A 81 10.83 16.54 -10.89
CA ARG A 81 10.46 16.02 -9.57
C ARG A 81 8.98 15.70 -9.42
N GLY A 82 8.12 16.58 -9.93
CA GLY A 82 6.69 16.36 -9.89
C GLY A 82 6.15 15.17 -10.67
N ASP A 83 6.96 14.55 -11.52
CA ASP A 83 6.59 13.30 -12.22
C ASP A 83 6.66 12.06 -11.33
N GLU A 84 7.31 12.17 -10.19
CA GLU A 84 7.42 11.05 -9.28
C GLU A 84 6.05 10.59 -8.83
N ALA A 85 5.78 9.30 -9.04
CA ALA A 85 4.46 8.70 -8.85
C ALA A 85 4.51 7.20 -9.16
N ASP A 86 3.43 6.50 -8.83
CA ASP A 86 3.17 5.18 -9.37
C ASP A 86 2.38 5.33 -10.67
N TYR A 87 2.77 4.58 -11.71
CA TYR A 87 2.08 4.62 -12.99
C TYR A 87 1.42 3.30 -13.26
N TYR A 88 0.17 3.35 -13.71
CA TYR A 88 -0.60 2.21 -14.10
C TYR A 88 -1.11 2.34 -15.51
N CYS A 89 -0.97 1.27 -16.29
CA CYS A 89 -1.71 1.15 -17.53
C CYS A 89 -3.07 0.50 -17.26
N ALA A 90 -3.96 0.64 -18.23
CA ALA A 90 -5.26 0.00 -18.17
C ALA A 90 -5.87 -0.20 -19.54
N ALA A 91 -6.76 -1.18 -19.66
CA ALA A 91 -7.44 -1.49 -20.95
C ALA A 91 -8.51 -2.53 -20.70
N TRP A 92 -9.56 -2.50 -21.53
CA TRP A 92 -10.55 -3.56 -21.53
C TRP A 92 -9.95 -4.87 -22.03
N ASN A 93 -10.17 -5.94 -21.26
CA ASN A 93 -9.85 -7.30 -21.67
C ASN A 93 -11.17 -8.00 -22.08
N GLY A 94 -11.38 -8.13 -23.38
CA GLY A 94 -12.57 -8.76 -23.96
C GLY A 94 -12.68 -10.25 -23.74
N ARG A 95 -11.57 -10.91 -23.44
CA ARG A 95 -11.59 -12.34 -23.16
C ARG A 95 -12.12 -12.62 -21.78
N LEU A 96 -11.92 -11.67 -20.86
CA LEU A 96 -12.40 -11.78 -19.48
C LEU A 96 -13.63 -10.95 -19.21
N SER A 97 -14.04 -10.09 -20.15
CA SER A 97 -15.09 -9.08 -19.93
C SER A 97 -14.84 -8.24 -18.69
N ALA A 98 -13.64 -7.69 -18.56
CA ALA A 98 -13.35 -6.80 -17.44
C ALA A 98 -12.35 -5.75 -17.85
N PHE A 99 -12.41 -4.62 -17.16
CA PHE A 99 -11.45 -3.54 -17.35
C PHE A 99 -10.26 -3.85 -16.47
N VAL A 100 -9.09 -4.01 -17.08
CA VAL A 100 -7.91 -4.54 -16.39
C VAL A 100 -6.86 -3.44 -16.19
N PHE A 101 -6.29 -3.38 -14.99
CA PHE A 101 -5.13 -2.53 -14.72
C PHE A 101 -3.83 -3.31 -14.76
N GLY A 102 -2.76 -2.63 -15.10
CA GLY A 102 -1.42 -3.11 -14.85
C GLY A 102 -1.08 -3.19 -13.37
N SER A 103 -0.02 -3.91 -13.08
CA SER A 103 0.41 -4.11 -11.70
C SER A 103 1.10 -2.91 -11.06
N GLY A 104 1.41 -1.89 -11.86
CA GLY A 104 1.92 -0.63 -11.38
C GLY A 104 3.43 -0.57 -11.36
N THR A 105 3.95 0.63 -11.64
CA THR A 105 5.42 0.86 -11.66
C THR A 105 5.68 2.12 -10.87
N LYS A 106 6.53 2.03 -9.85
CA LYS A 106 6.97 3.21 -9.10
C LYS A 106 8.10 3.90 -9.86
N LEU A 107 7.91 5.18 -10.16
CA LEU A 107 8.96 6.02 -10.72
C LEU A 107 9.58 6.85 -9.61
N THR A 108 10.90 6.76 -9.48
CA THR A 108 11.67 7.70 -8.66
C THR A 108 12.47 8.61 -9.56
N VAL A 109 12.34 9.91 -9.34
CA VAL A 109 13.17 10.90 -10.01
C VAL A 109 14.29 11.20 -8.99
N LEU A 110 15.49 10.74 -9.33
CA LEU A 110 16.59 10.62 -8.35
C LEU A 110 17.02 11.99 -7.87
N GLY A 111 16.79 12.26 -6.59
CA GLY A 111 17.13 13.54 -5.95
C GLY A 111 18.26 13.51 -4.94
N GLN A 112 18.79 12.33 -4.66
CA GLN A 112 19.89 12.16 -3.71
C GLN A 112 20.58 10.84 -4.03
N PRO A 113 21.78 10.62 -3.46
CA PRO A 113 22.45 9.38 -3.73
C PRO A 113 21.70 8.13 -3.23
N LYS A 114 21.99 6.99 -3.86
CA LYS A 114 21.49 5.72 -3.40
C LYS A 114 21.89 5.56 -1.94
N SER A 115 20.98 5.04 -1.14
CA SER A 115 21.24 4.70 0.24
C SER A 115 20.69 3.31 0.51
N SER A 116 21.58 2.41 0.94
CA SER A 116 21.22 1.03 1.25
C SER A 116 20.49 0.97 2.58
N PRO A 117 19.62 -0.03 2.75
CA PRO A 117 18.82 -0.12 3.97
C PRO A 117 19.61 -0.52 5.22
N SER A 118 19.20 0.05 6.33
CA SER A 118 19.68 -0.32 7.65
CA SER A 118 19.69 -0.31 7.66
C SER A 118 18.63 -1.26 8.22
N VAL A 119 19.04 -2.48 8.52
CA VAL A 119 18.11 -3.51 8.96
C VAL A 119 18.41 -3.91 10.40
N THR A 120 17.33 -4.03 11.18
CA THR A 120 17.42 -4.53 12.56
C THR A 120 16.38 -5.62 12.74
N LEU A 121 16.79 -6.75 13.32
CA LEU A 121 15.86 -7.84 13.55
C LEU A 121 15.67 -8.01 15.04
N PHE A 122 14.41 -8.01 15.48
CA PHE A 122 14.08 -8.22 16.87
C PHE A 122 13.39 -9.57 17.09
N PRO A 123 13.76 -10.26 18.18
CA PRO A 123 13.04 -11.46 18.60
C PRO A 123 11.74 -11.10 19.33
N PRO A 124 10.85 -12.10 19.52
CA PRO A 124 9.65 -11.87 20.32
C PRO A 124 10.03 -11.57 21.75
N SER A 125 9.21 -10.78 22.40
CA SER A 125 9.40 -10.42 23.79
C SER A 125 8.88 -11.55 24.66
N SER A 126 9.43 -11.66 25.86
CA SER A 126 8.91 -12.69 26.77
C SER A 126 7.44 -12.39 27.10
N GLU A 127 7.08 -11.11 27.19
CA GLU A 127 5.69 -10.68 27.44
C GLU A 127 4.72 -11.18 26.36
N GLU A 128 5.09 -11.07 25.08
CA GLU A 128 4.23 -11.59 24.02
C GLU A 128 4.11 -13.12 24.09
N LEU A 129 5.23 -13.78 24.32
CA LEU A 129 5.28 -15.24 24.43
C LEU A 129 4.35 -15.80 25.52
N GLU A 130 4.14 -15.05 26.60
CA GLU A 130 3.14 -15.41 27.62
C GLU A 130 1.69 -15.49 27.10
N THR A 131 1.40 -14.81 25.99
CA THR A 131 0.09 -14.90 25.32
C THR A 131 -0.01 -16.02 24.27
N ASN A 132 1.03 -16.86 24.16
CA ASN A 132 1.08 -17.99 23.25
C ASN A 132 1.32 -17.61 21.79
N LYS A 133 1.85 -16.40 21.58
CA LYS A 133 2.15 -15.87 20.23
C LYS A 133 3.57 -15.29 20.20
N ALA A 134 4.14 -15.24 18.99
CA ALA A 134 5.50 -14.74 18.78
C ALA A 134 5.52 -13.94 17.48
N THR A 135 6.00 -12.70 17.55
CA THR A 135 6.20 -11.87 16.38
C THR A 135 7.65 -11.41 16.35
N LEU A 136 8.32 -11.65 15.21
CA LEU A 136 9.62 -11.07 14.97
C LEU A 136 9.39 -9.81 14.15
N VAL A 137 10.15 -8.77 14.46
CA VAL A 137 10.03 -7.50 13.78
C VAL A 137 11.34 -7.17 13.11
N CYS A 138 11.28 -6.87 11.81
CA CYS A 138 12.45 -6.52 11.02
C CYS A 138 12.23 -5.08 10.59
N THR A 139 12.95 -4.14 11.21
CA THR A 139 12.83 -2.74 10.81
C THR A 139 13.84 -2.42 9.73
N ILE A 140 13.45 -1.54 8.83
CA ILE A 140 14.20 -1.27 7.59
C ILE A 140 14.19 0.23 7.39
N THR A 141 15.33 0.91 7.51
CA THR A 141 15.33 2.36 7.43
C THR A 141 16.39 2.89 6.50
N ASP A 142 16.27 4.18 6.22
CA ASP A 142 17.28 4.95 5.50
C ASP A 142 17.62 4.38 4.12
N PHE A 143 16.61 3.87 3.41
CA PHE A 143 16.87 3.39 2.06
C PHE A 143 16.32 4.36 1.00
N TYR A 144 17.04 4.45 -0.10
CA TYR A 144 16.64 5.30 -1.25
C TYR A 144 17.24 4.72 -2.52
N PRO A 145 16.47 4.53 -3.60
CA PRO A 145 15.02 4.80 -3.70
C PRO A 145 14.15 3.94 -2.78
N GLY A 146 12.88 4.31 -2.67
CA GLY A 146 11.97 3.69 -1.70
C GLY A 146 11.32 2.39 -2.16
N VAL A 147 12.13 1.43 -2.61
CA VAL A 147 11.63 0.14 -3.11
C VAL A 147 12.47 -1.00 -2.52
N VAL A 148 11.82 -1.92 -1.80
CA VAL A 148 12.52 -3.11 -1.28
C VAL A 148 11.63 -4.35 -1.43
N THR A 149 12.28 -5.50 -1.40
CA THR A 149 11.58 -6.76 -1.27
C THR A 149 12.18 -7.43 -0.04
N VAL A 150 11.34 -8.11 0.73
CA VAL A 150 11.78 -8.75 1.97
C VAL A 150 11.48 -10.23 1.91
N ASP A 151 12.50 -11.01 2.27
CA ASP A 151 12.40 -12.45 2.33
C ASP A 151 12.78 -12.92 3.73
N TRP A 152 12.05 -13.89 4.25
CA TRP A 152 12.37 -14.47 5.56
C TRP A 152 12.78 -15.92 5.41
N LYS A 153 13.69 -16.36 6.29
CA LYS A 153 14.08 -17.77 6.39
C LYS A 153 13.99 -18.21 7.84
N VAL A 154 13.54 -19.44 8.06
CA VAL A 154 13.54 -20.07 9.37
C VAL A 154 14.28 -21.41 9.20
N ASP A 155 15.25 -21.66 10.07
CA ASP A 155 16.15 -22.81 9.95
C ASP A 155 16.73 -22.96 8.54
N GLY A 156 17.08 -21.82 7.93
CA GLY A 156 17.71 -21.79 6.61
C GLY A 156 16.81 -22.00 5.41
N THR A 157 15.50 -22.06 5.64
CA THR A 157 14.53 -22.41 4.62
C THR A 157 13.54 -21.27 4.43
N PRO A 158 13.19 -20.94 3.17
CA PRO A 158 12.26 -19.81 2.96
C PRO A 158 10.90 -19.97 3.65
N VAL A 159 10.44 -18.89 4.27
CA VAL A 159 9.12 -18.80 4.87
C VAL A 159 8.17 -18.36 3.74
N THR A 160 7.04 -19.04 3.60
CA THR A 160 5.98 -18.66 2.65
C THR A 160 4.68 -18.15 3.31
N GLN A 161 4.54 -18.30 4.64
CA GLN A 161 3.32 -17.93 5.38
C GLN A 161 3.62 -17.15 6.67
N GLY A 162 2.67 -16.30 7.06
CA GLY A 162 2.79 -15.53 8.29
C GLY A 162 3.69 -14.31 8.24
N MET A 163 4.07 -13.85 7.03
CA MET A 163 4.89 -12.66 6.82
CA MET A 163 4.86 -12.64 6.92
C MET A 163 4.06 -11.55 6.23
N GLU A 164 4.30 -10.32 6.67
CA GLU A 164 3.72 -9.16 6.05
C GLU A 164 4.63 -7.96 6.23
N THR A 165 4.70 -7.11 5.20
CA THR A 165 5.61 -5.97 5.20
C THR A 165 4.80 -4.72 4.86
N THR A 166 5.11 -3.62 5.54
CA THR A 166 4.48 -2.33 5.24
C THR A 166 4.96 -1.82 3.90
N GLN A 167 4.16 -0.97 3.29
CA GLN A 167 4.61 -0.18 2.13
C GLN A 167 5.62 0.84 2.62
N PRO A 168 6.69 1.10 1.84
CA PRO A 168 7.67 2.07 2.31
C PRO A 168 7.09 3.45 2.53
N SER A 169 7.52 4.10 3.61
CA SER A 169 7.08 5.46 3.88
CA SER A 169 7.07 5.42 4.05
C SER A 169 8.27 6.38 4.05
N LYS A 170 8.05 7.65 3.68
CA LYS A 170 9.14 8.62 3.65
C LYS A 170 9.57 9.10 5.02
N GLN A 171 10.89 9.19 5.20
CA GLN A 171 11.48 9.80 6.38
C GLN A 171 11.59 11.31 6.15
N SER A 172 11.92 12.04 7.21
CA SER A 172 12.13 13.49 7.10
C SER A 172 13.25 13.88 6.15
N ASN A 173 14.24 12.99 5.96
CA ASN A 173 15.32 13.26 4.99
C ASN A 173 15.08 12.68 3.60
N ASN A 174 13.83 12.33 3.31
CA ASN A 174 13.40 11.82 1.99
C ASN A 174 13.91 10.43 1.61
N LYS A 175 14.62 9.75 2.50
CA LYS A 175 14.84 8.30 2.36
C LYS A 175 13.57 7.62 2.89
N TYR A 176 13.56 6.30 2.88
CA TYR A 176 12.36 5.55 3.20
C TYR A 176 12.58 4.54 4.29
N MET A 177 11.48 4.13 4.90
CA MET A 177 11.47 3.14 5.96
C MET A 177 10.31 2.18 5.77
N ALA A 178 10.47 0.98 6.32
CA ALA A 178 9.41 0.00 6.29
C ALA A 178 9.67 -1.02 7.39
N SER A 179 8.66 -1.78 7.73
CA SER A 179 8.76 -2.81 8.75
CA SER A 179 8.78 -2.83 8.75
C SER A 179 8.14 -4.11 8.25
N SER A 180 8.73 -5.25 8.60
CA SER A 180 8.23 -6.56 8.20
C SER A 180 8.06 -7.39 9.45
N TYR A 181 7.00 -8.19 9.47
CA TYR A 181 6.63 -8.95 10.65
C TYR A 181 6.51 -10.41 10.27
N LEU A 182 7.11 -11.28 11.08
CA LEU A 182 6.92 -12.72 10.94
C LEU A 182 6.13 -13.16 12.17
N THR A 183 4.90 -13.65 11.97
CA THR A 183 4.00 -14.04 13.06
C THR A 183 3.98 -15.57 13.16
N LEU A 184 4.26 -16.07 14.36
CA LEU A 184 4.29 -17.51 14.68
C LEU A 184 3.56 -17.76 15.99
N THR A 185 3.18 -19.01 16.24
CA THR A 185 2.76 -19.39 17.59
C THR A 185 3.99 -19.44 18.50
N ALA A 186 3.78 -19.35 19.81
CA ALA A 186 4.86 -19.52 20.76
C ALA A 186 5.55 -20.89 20.60
N ARG A 187 4.76 -21.93 20.37
CA ARG A 187 5.31 -23.27 20.18
C ARG A 187 6.22 -23.35 18.95
N ALA A 188 5.82 -22.74 17.84
CA ALA A 188 6.67 -22.73 16.64
C ALA A 188 7.97 -21.96 16.89
N TRP A 189 7.90 -20.83 17.61
CA TRP A 189 9.11 -20.10 18.02
C TRP A 189 10.07 -21.01 18.78
N GLU A 190 9.54 -21.74 19.75
CA GLU A 190 10.35 -22.64 20.58
C GLU A 190 10.91 -23.84 19.82
N ARG A 191 10.24 -24.23 18.73
CA ARG A 191 10.63 -25.40 17.94
C ARG A 191 11.51 -25.10 16.72
N HIS A 192 11.93 -23.85 16.53
CA HIS A 192 12.92 -23.53 15.47
C HIS A 192 14.08 -22.75 16.09
N SER A 193 15.21 -22.73 15.38
CA SER A 193 16.47 -22.25 15.93
CA SER A 193 16.46 -22.23 15.94
C SER A 193 16.92 -20.91 15.34
N SER A 194 16.98 -20.83 14.03
CA SER A 194 17.50 -19.61 13.40
C SER A 194 16.46 -18.91 12.55
N TYR A 195 16.58 -17.59 12.51
CA TYR A 195 15.57 -16.74 11.95
C TYR A 195 16.30 -15.64 11.22
N SER A 196 15.90 -15.37 9.98
CA SER A 196 16.60 -14.38 9.14
C SER A 196 15.62 -13.51 8.35
N CYS A 197 15.90 -12.20 8.32
CA CYS A 197 15.19 -11.23 7.48
C CYS A 197 16.17 -10.72 6.42
N GLN A 198 15.82 -10.85 5.13
CA GLN A 198 16.69 -10.51 3.99
CA GLN A 198 16.71 -10.46 4.02
C GLN A 198 16.03 -9.38 3.20
N VAL A 199 16.67 -8.23 3.10
CA VAL A 199 16.07 -7.10 2.42
C VAL A 199 16.85 -6.87 1.12
N THR A 200 16.16 -6.96 -0.02
CA THR A 200 16.79 -6.65 -1.30
C THR A 200 16.44 -5.22 -1.73
N HIS A 201 17.48 -4.45 -2.04
CA HIS A 201 17.35 -3.06 -2.44
C HIS A 201 18.33 -2.77 -3.58
N GLU A 202 17.82 -2.23 -4.68
CA GLU A 202 18.67 -1.94 -5.85
C GLU A 202 19.60 -3.13 -6.21
N GLY A 203 19.01 -4.31 -6.24
CA GLY A 203 19.73 -5.53 -6.64
C GLY A 203 20.74 -6.08 -5.64
N HIS A 204 20.74 -5.60 -4.40
CA HIS A 204 21.67 -6.12 -3.40
C HIS A 204 20.94 -6.35 -2.12
N THR A 205 21.40 -7.33 -1.37
CA THR A 205 20.70 -7.80 -0.20
C THR A 205 21.43 -7.36 1.06
N VAL A 206 20.65 -7.06 2.10
CA VAL A 206 21.15 -6.82 3.44
C VAL A 206 20.36 -7.77 4.33
N GLU A 207 21.05 -8.61 5.10
CA GLU A 207 20.43 -9.68 5.87
C GLU A 207 20.79 -9.53 7.34
N LYS A 208 19.81 -9.73 8.23
CA LYS A 208 20.06 -9.91 9.64
C LYS A 208 19.45 -11.21 10.10
N SER A 209 20.13 -11.86 11.03
CA SER A 209 19.66 -13.13 11.53
C SER A 209 19.83 -13.18 13.05
N LEU A 210 19.10 -14.10 13.66
CA LEU A 210 19.33 -14.42 15.06
C LEU A 210 19.06 -15.89 15.33
N SER A 211 19.57 -16.32 16.48
CA SER A 211 19.31 -17.66 17.00
CA SER A 211 19.31 -17.66 16.99
C SER A 211 18.53 -17.54 18.30
N ARG A 212 17.44 -18.28 18.41
CA ARG A 212 16.59 -18.22 19.61
C ARG A 212 17.42 -18.48 20.87
N ALA A 213 18.31 -19.46 20.82
CA ALA A 213 19.12 -19.83 21.99
C ALA A 213 20.08 -18.75 22.55
N ASP A 214 20.21 -17.60 21.89
CA ASP A 214 20.98 -16.47 22.43
C ASP A 214 20.11 -15.57 23.31
N VAL B 2 -15.96 19.44 -13.40
CA VAL B 2 -16.41 18.16 -12.86
C VAL B 2 -15.68 17.77 -11.57
N GLN B 3 -16.45 17.40 -10.55
CA GLN B 3 -15.89 16.96 -9.27
C GLN B 3 -16.70 15.77 -8.79
N LEU B 4 -16.02 14.77 -8.21
CA LEU B 4 -16.65 13.59 -7.62
C LEU B 4 -16.27 13.49 -6.16
N GLU B 5 -17.20 13.01 -5.34
CA GLU B 5 -16.92 12.79 -3.92
C GLU B 5 -17.68 11.58 -3.37
N GLU B 6 -16.92 10.64 -2.81
CA GLU B 6 -17.48 9.46 -2.22
C GLU B 6 -17.92 9.79 -0.79
N SER B 7 -18.98 9.13 -0.34
CA SER B 7 -19.40 9.19 1.05
C SER B 7 -19.98 7.85 1.48
N GLY B 8 -20.08 7.66 2.79
CA GLY B 8 -20.58 6.44 3.36
C GLY B 8 -19.79 6.04 4.58
N PRO B 9 -20.23 4.98 5.27
CA PRO B 9 -19.52 4.48 6.44
C PRO B 9 -18.11 4.01 6.11
N GLY B 10 -17.15 4.38 6.95
CA GLY B 10 -15.77 3.90 6.84
C GLY B 10 -15.58 2.49 7.39
N LEU B 11 -16.50 2.06 8.26
CA LEU B 11 -16.42 0.76 8.87
C LEU B 11 -17.56 -0.14 8.40
N VAL B 12 -17.23 -1.38 8.03
CA VAL B 12 -18.23 -2.36 7.61
C VAL B 12 -17.92 -3.70 8.28
N ARG B 13 -18.93 -4.36 8.84
CA ARG B 13 -18.72 -5.62 9.53
C ARG B 13 -18.79 -6.75 8.51
N PRO B 14 -17.86 -7.72 8.59
CA PRO B 14 -17.93 -8.91 7.73
C PRO B 14 -19.30 -9.57 7.74
N SER B 15 -19.72 -10.05 6.56
CA SER B 15 -21.06 -10.59 6.29
C SER B 15 -22.12 -9.53 5.94
N GLU B 16 -21.93 -8.29 6.40
CA GLU B 16 -22.88 -7.21 6.13
C GLU B 16 -22.63 -6.60 4.74
N THR B 17 -23.49 -5.68 4.34
CA THR B 17 -23.40 -5.01 3.05
C THR B 17 -22.70 -3.65 3.15
N LEU B 18 -21.70 -3.46 2.28
CA LEU B 18 -21.04 -2.18 2.09
C LEU B 18 -21.87 -1.33 1.13
N SER B 19 -22.22 -0.11 1.56
CA SER B 19 -23.05 0.81 0.80
C SER B 19 -22.33 2.15 0.73
N LEU B 20 -21.94 2.56 -0.48
CA LEU B 20 -21.27 3.83 -0.69
C LEU B 20 -22.02 4.66 -1.73
N SER B 21 -21.86 5.98 -1.62
CA SER B 21 -22.49 6.91 -2.54
CA SER B 21 -22.47 6.92 -2.56
C SER B 21 -21.39 7.78 -3.14
N CYS B 22 -21.66 8.31 -4.31
CA CYS B 22 -20.73 9.26 -4.92
C CYS B 22 -21.57 10.38 -5.46
N THR B 23 -21.19 11.62 -5.15
CA THR B 23 -21.90 12.81 -5.62
C THR B 23 -21.11 13.46 -6.72
N VAL B 24 -21.77 13.76 -7.84
CA VAL B 24 -21.17 14.42 -9.00
C VAL B 24 -21.57 15.90 -9.00
N SER B 25 -20.60 16.76 -9.25
CA SER B 25 -20.85 18.20 -9.32
C SER B 25 -20.24 18.74 -10.58
N GLY B 26 -20.89 19.73 -11.16
CA GLY B 26 -20.36 20.45 -12.30
C GLY B 26 -20.40 19.77 -13.64
N PHE B 27 -21.16 18.70 -13.77
CA PHE B 27 -21.21 17.96 -15.03
C PHE B 27 -22.47 17.13 -15.16
N PRO B 28 -23.12 17.13 -16.33
CA PRO B 28 -24.38 16.38 -16.43
C PRO B 28 -24.22 14.86 -16.47
N MET B 29 -24.96 14.18 -15.60
CA MET B 29 -24.94 12.71 -15.60
C MET B 29 -25.71 12.12 -16.77
N SER B 30 -26.50 12.92 -17.47
CA SER B 30 -27.22 12.46 -18.67
C SER B 30 -26.37 12.39 -19.96
N GLU B 31 -25.09 12.79 -19.92
CA GLU B 31 -24.18 12.63 -21.06
C GLU B 31 -23.72 11.18 -21.23
N SER B 32 -23.03 10.91 -22.34
CA SER B 32 -22.54 9.58 -22.72
C SER B 32 -21.25 9.15 -21.99
N TYR B 33 -21.35 9.06 -20.69
CA TYR B 33 -20.30 8.56 -19.86
C TYR B 33 -20.90 7.52 -18.94
N PHE B 34 -20.09 6.55 -18.54
CA PHE B 34 -20.44 5.68 -17.44
C PHE B 34 -19.90 6.28 -16.15
N TRP B 35 -20.45 5.81 -15.03
CA TRP B 35 -20.05 6.21 -13.70
C TRP B 35 -19.81 4.91 -12.96
N GLY B 36 -18.64 4.78 -12.36
CA GLY B 36 -18.24 3.49 -11.79
C GLY B 36 -17.37 3.58 -10.57
N TRP B 37 -16.90 2.41 -10.18
CA TRP B 37 -16.18 2.22 -8.95
C TRP B 37 -14.91 1.38 -9.14
N ILE B 38 -13.83 1.83 -8.51
CA ILE B 38 -12.53 1.19 -8.50
C ILE B 38 -12.13 1.05 -7.05
N ARG B 39 -11.38 0.01 -6.70
CA ARG B 39 -10.83 -0.05 -5.35
C ARG B 39 -9.36 -0.41 -5.35
N GLN B 40 -8.69 -0.10 -4.26
CA GLN B 40 -7.26 -0.31 -4.14
C GLN B 40 -6.91 -0.68 -2.71
N SER B 41 -6.27 -1.82 -2.50
CA SER B 41 -5.93 -2.27 -1.13
C SER B 41 -4.57 -1.72 -0.83
N PRO B 42 -4.30 -1.40 0.47
CA PRO B 42 -3.09 -0.71 0.85
C PRO B 42 -1.87 -1.38 0.25
N GLY B 43 -1.11 -0.61 -0.51
CA GLY B 43 0.08 -1.11 -1.14
C GLY B 43 -0.10 -2.03 -2.30
N LYS B 44 -1.34 -2.17 -2.76
CA LYS B 44 -1.62 -3.06 -3.86
C LYS B 44 -2.12 -2.19 -5.02
N GLY B 45 -2.59 -2.89 -6.05
CA GLY B 45 -2.98 -2.25 -7.28
C GLY B 45 -4.46 -1.93 -7.33
N LEU B 46 -4.89 -1.55 -8.52
CA LEU B 46 -6.22 -1.03 -8.76
C LEU B 46 -7.06 -2.15 -9.32
N GLU B 47 -8.29 -2.23 -8.81
CA GLU B 47 -9.26 -3.24 -9.21
C GLU B 47 -10.60 -2.60 -9.62
N TRP B 48 -10.95 -2.73 -10.91
CA TRP B 48 -12.24 -2.27 -11.42
C TRP B 48 -13.39 -3.12 -10.91
N LEU B 49 -14.44 -2.48 -10.39
CA LEU B 49 -15.59 -3.18 -9.84
C LEU B 49 -16.77 -3.17 -10.79
N GLY B 50 -17.04 -2.01 -11.38
CA GLY B 50 -18.15 -1.94 -12.33
C GLY B 50 -18.55 -0.52 -12.64
N SER B 51 -19.58 -0.40 -13.47
CA SER B 51 -20.04 0.89 -13.96
CA SER B 51 -20.00 0.86 -14.08
C SER B 51 -21.49 0.86 -14.42
N VAL B 52 -22.07 2.05 -14.52
CA VAL B 52 -23.44 2.22 -14.96
C VAL B 52 -23.56 3.48 -15.81
N ILE B 53 -24.51 3.47 -16.74
CA ILE B 53 -24.81 4.66 -17.55
C ILE B 53 -26.30 4.99 -17.39
N HIS B 54 -26.68 6.23 -17.70
CA HIS B 54 -28.04 6.73 -17.46
C HIS B 54 -29.15 5.92 -18.14
N THR B 55 -28.81 5.17 -19.20
CA THR B 55 -29.81 4.29 -19.85
C THR B 55 -30.17 3.08 -19.04
N GLY B 56 -29.35 2.73 -18.04
CA GLY B 56 -29.59 1.56 -17.21
C GLY B 56 -28.56 0.47 -17.41
N THR B 57 -27.83 0.47 -18.52
CA THR B 57 -26.79 -0.53 -18.78
C THR B 57 -25.69 -0.50 -17.70
N THR B 58 -25.33 -1.69 -17.21
CA THR B 58 -24.32 -1.86 -16.18
C THR B 58 -23.31 -2.88 -16.63
N TYR B 59 -22.08 -2.70 -16.19
CA TYR B 59 -21.02 -3.68 -16.35
C TYR B 59 -20.48 -4.02 -14.98
N TYR B 60 -20.23 -5.31 -14.74
CA TYR B 60 -19.60 -5.74 -13.48
C TYR B 60 -18.38 -6.63 -13.67
N ARG B 61 -17.43 -6.51 -12.74
CA ARG B 61 -16.34 -7.49 -12.64
C ARG B 61 -17.00 -8.88 -12.50
N PRO B 62 -16.77 -9.79 -13.46
CA PRO B 62 -17.46 -11.09 -13.37
C PRO B 62 -17.27 -11.84 -12.05
N SER B 63 -16.08 -11.80 -11.48
CA SER B 63 -15.81 -12.51 -10.21
C SER B 63 -16.61 -11.96 -9.00
N LEU B 64 -17.12 -10.74 -9.11
CA LEU B 64 -17.88 -10.10 -8.04
C LEU B 64 -19.33 -9.83 -8.43
N GLU B 65 -19.74 -10.25 -9.62
CA GLU B 65 -21.01 -9.77 -10.17
C GLU B 65 -22.18 -10.16 -9.29
N SER B 66 -22.16 -11.35 -8.71
CA SER B 66 -23.30 -11.78 -7.89
C SER B 66 -23.45 -10.97 -6.59
N ARG B 67 -22.36 -10.35 -6.12
CA ARG B 67 -22.35 -9.54 -4.90
C ARG B 67 -22.47 -8.02 -5.12
N LEU B 68 -22.35 -7.56 -6.36
CA LEU B 68 -22.23 -6.13 -6.68
C LEU B 68 -23.49 -5.56 -7.32
N THR B 69 -23.91 -4.39 -6.84
CA THR B 69 -24.97 -3.62 -7.49
C THR B 69 -24.50 -2.17 -7.55
N ILE B 70 -24.46 -1.64 -8.77
CA ILE B 70 -24.08 -0.26 -9.03
C ILE B 70 -25.24 0.39 -9.78
N ALA B 71 -25.64 1.57 -9.32
CA ALA B 71 -26.78 2.27 -9.88
C ALA B 71 -26.53 3.76 -9.84
N MET B 72 -27.37 4.51 -10.54
CA MET B 72 -27.26 5.96 -10.53
C MET B 72 -28.64 6.60 -10.47
N ASP B 73 -28.65 7.82 -9.92
CA ASP B 73 -29.86 8.64 -9.81
C ASP B 73 -29.47 10.08 -10.18
N PRO B 74 -29.60 10.45 -11.46
CA PRO B 74 -29.22 11.81 -11.88
C PRO B 74 -30.01 12.92 -11.17
N SER B 75 -31.22 12.63 -10.70
CA SER B 75 -31.99 13.64 -9.93
C SER B 75 -31.30 14.03 -8.59
N LYS B 76 -30.40 13.18 -8.09
CA LYS B 76 -29.59 13.44 -6.90
C LYS B 76 -28.09 13.53 -7.22
N ASN B 77 -27.75 13.56 -8.52
CA ASN B 77 -26.36 13.53 -8.97
C ASN B 77 -25.54 12.46 -8.25
N GLN B 78 -26.13 11.28 -8.15
CA GLN B 78 -25.58 10.19 -7.37
C GLN B 78 -25.26 8.94 -8.19
N VAL B 79 -24.16 8.29 -7.79
CA VAL B 79 -23.84 6.93 -8.21
C VAL B 79 -23.72 6.13 -6.93
N SER B 80 -24.21 4.90 -6.90
CA SER B 80 -24.16 4.11 -5.68
C SER B 80 -23.44 2.78 -5.92
N LEU B 81 -22.89 2.25 -4.83
CA LEU B 81 -22.26 0.92 -4.79
CA LEU B 81 -22.30 0.92 -4.81
C LEU B 81 -22.87 0.16 -3.63
N SER B 82 -23.25 -1.08 -3.87
CA SER B 82 -23.71 -1.98 -2.83
C SER B 82 -22.98 -3.30 -3.04
N LEU B 83 -22.18 -3.70 -2.05
CA LEU B 83 -21.41 -4.95 -2.13
C LEU B 83 -21.83 -5.81 -0.95
N THR B 84 -22.48 -6.93 -1.24
CA THR B 84 -23.02 -7.78 -0.18
C THR B 84 -21.97 -8.76 0.33
N SER B 85 -22.27 -9.40 1.45
CA SER B 85 -21.42 -10.46 2.01
C SER B 85 -19.96 -10.04 2.12
N VAL B 86 -19.73 -8.90 2.76
CA VAL B 86 -18.38 -8.35 2.92
C VAL B 86 -17.46 -9.33 3.65
N THR B 87 -16.21 -9.42 3.19
CA THR B 87 -15.15 -10.12 3.95
C THR B 87 -14.01 -9.16 4.32
N VAL B 88 -13.09 -9.65 5.14
CA VAL B 88 -11.89 -8.89 5.47
C VAL B 88 -11.08 -8.51 4.23
N ALA B 89 -11.19 -9.29 3.14
CA ALA B 89 -10.54 -8.99 1.86
C ALA B 89 -11.09 -7.74 1.12
N ASP B 90 -12.27 -7.27 1.51
CA ASP B 90 -12.89 -6.09 0.94
C ASP B 90 -12.40 -4.74 1.53
N SER B 91 -11.50 -4.76 2.52
CA SER B 91 -10.90 -3.51 3.00
C SER B 91 -10.08 -2.88 1.86
N ALA B 92 -10.34 -1.60 1.61
CA ALA B 92 -9.69 -0.90 0.52
C ALA B 92 -10.05 0.56 0.50
N MET B 93 -9.32 1.31 -0.33
CA MET B 93 -9.71 2.65 -0.71
C MET B 93 -10.66 2.48 -1.89
N TYR B 94 -11.84 3.07 -1.81
CA TYR B 94 -12.84 2.96 -2.88
C TYR B 94 -12.93 4.29 -3.58
N TYR B 95 -12.85 4.27 -4.91
CA TYR B 95 -12.90 5.46 -5.75
C TYR B 95 -14.09 5.42 -6.67
N CYS B 96 -14.83 6.52 -6.72
CA CYS B 96 -15.78 6.68 -7.84
CA CYS B 96 -15.80 6.79 -7.78
C CYS B 96 -15.09 7.40 -8.99
N VAL B 97 -15.51 7.05 -10.19
CA VAL B 97 -14.89 7.52 -11.43
C VAL B 97 -15.90 7.80 -12.52
N ARG B 98 -15.63 8.83 -13.34
CA ARG B 98 -16.31 8.99 -14.63
C ARG B 98 -15.55 8.23 -15.71
N ILE B 99 -16.28 7.47 -16.53
CA ILE B 99 -15.68 6.60 -17.53
C ILE B 99 -16.21 6.97 -18.90
N ARG B 100 -15.32 7.22 -19.86
CA ARG B 100 -15.77 7.43 -21.23
C ARG B 100 -16.28 6.12 -21.85
N GLY B 101 -17.49 6.15 -22.41
CA GLY B 101 -18.13 4.99 -23.05
C GLY B 101 -17.49 4.57 -24.36
N GLY B 102 -17.90 3.42 -24.89
CA GLY B 102 -17.42 3.00 -26.22
C GLY B 102 -16.08 2.31 -26.13
N SER B 103 -15.29 2.43 -27.20
CA SER B 103 -14.00 1.75 -27.27
C SER B 103 -12.89 2.50 -26.53
N SER B 104 -13.12 3.77 -26.21
CA SER B 104 -12.13 4.54 -25.48
C SER B 104 -11.80 3.98 -24.07
N ASN B 105 -12.81 3.73 -23.23
CA ASN B 105 -12.62 3.23 -21.87
C ASN B 105 -11.52 3.94 -21.09
N TRP B 106 -11.63 5.24 -20.89
CA TRP B 106 -10.70 5.95 -20.02
C TRP B 106 -11.44 6.51 -18.81
N LEU B 107 -10.67 6.70 -17.74
CA LEU B 107 -11.21 7.03 -16.42
C LEU B 107 -10.75 8.43 -15.98
N ASP B 108 -11.66 9.40 -15.91
CA ASP B 108 -11.30 10.77 -15.52
C ASP B 108 -12.54 11.63 -15.38
N PRO B 109 -12.68 12.36 -14.28
CA PRO B 109 -11.80 12.29 -13.10
C PRO B 109 -12.14 11.17 -12.15
N TRP B 110 -11.34 11.08 -11.09
CA TRP B 110 -11.54 10.15 -10.00
C TRP B 110 -11.92 10.97 -8.79
N GLY B 111 -12.79 10.45 -7.94
CA GLY B 111 -12.99 11.04 -6.61
C GLY B 111 -11.74 10.91 -5.76
N PRO B 112 -11.72 11.59 -4.60
CA PRO B 112 -10.53 11.51 -3.76
C PRO B 112 -10.31 10.20 -3.09
N GLY B 113 -11.37 9.40 -2.97
CA GLY B 113 -11.31 8.08 -2.37
C GLY B 113 -11.88 8.07 -0.97
N ILE B 114 -12.44 6.93 -0.58
CA ILE B 114 -12.93 6.71 0.76
C ILE B 114 -12.38 5.40 1.31
N VAL B 115 -11.85 5.45 2.52
CA VAL B 115 -11.25 4.31 3.15
C VAL B 115 -12.35 3.44 3.76
N VAL B 116 -12.41 2.19 3.36
CA VAL B 116 -13.34 1.24 3.90
C VAL B 116 -12.53 0.15 4.61
N THR B 117 -12.89 -0.05 5.87
CA THR B 117 -12.27 -1.01 6.74
C THR B 117 -13.31 -2.04 7.08
N ALA B 118 -13.02 -3.29 6.74
CA ALA B 118 -13.89 -4.41 7.05
C ALA B 118 -13.35 -5.11 8.29
N SER B 119 -14.07 -4.98 9.40
CA SER B 119 -13.61 -5.57 10.64
C SER B 119 -14.74 -5.76 11.61
N SER B 120 -14.69 -6.86 12.36
CA SER B 120 -15.67 -7.17 13.40
CA SER B 120 -15.67 -7.17 13.40
C SER B 120 -15.23 -6.68 14.78
N ALA B 121 -14.02 -6.11 14.86
CA ALA B 121 -13.45 -5.76 16.16
C ALA B 121 -14.23 -4.75 16.99
N LYS B 122 -14.19 -4.96 18.30
CA LYS B 122 -14.57 -3.95 19.30
C LYS B 122 -13.40 -2.97 19.43
N THR B 123 -13.67 -1.81 20.05
CA THR B 123 -12.61 -0.92 20.50
C THR B 123 -11.68 -1.72 21.44
N THR B 124 -10.41 -1.79 21.05
CA THR B 124 -9.45 -2.66 21.69
C THR B 124 -8.16 -1.85 21.86
N PRO B 125 -7.67 -1.70 23.10
CA PRO B 125 -6.39 -1.03 23.27
C PRO B 125 -5.28 -1.91 22.74
N PRO B 126 -4.12 -1.31 22.41
CA PRO B 126 -3.01 -2.10 21.94
C PRO B 126 -2.35 -2.90 23.06
N SER B 127 -1.82 -4.06 22.71
CA SER B 127 -0.79 -4.71 23.51
C SER B 127 0.55 -4.21 23.04
N VAL B 128 1.33 -3.63 23.96
CA VAL B 128 2.61 -3.00 23.62
C VAL B 128 3.73 -3.88 24.17
N TYR B 129 4.57 -4.37 23.26
CA TYR B 129 5.70 -5.21 23.60
C TYR B 129 7.03 -4.50 23.30
N PRO B 130 8.01 -4.63 24.22
CA PRO B 130 9.32 -4.02 24.02
C PRO B 130 10.14 -4.77 22.99
N LEU B 131 10.89 -4.03 22.19
CA LEU B 131 11.78 -4.59 21.20
C LEU B 131 13.19 -4.26 21.67
N ALA B 132 13.90 -5.25 22.18
CA ALA B 132 15.28 -5.09 22.63
C ALA B 132 16.17 -5.99 21.79
N PRO B 133 17.45 -5.61 21.62
CA PRO B 133 18.35 -6.41 20.78
C PRO B 133 18.48 -7.86 21.25
N GLY B 134 18.63 -8.78 20.29
CA GLY B 134 18.98 -10.15 20.59
C GLY B 134 20.32 -10.18 21.30
N CYS B 135 20.56 -11.25 22.06
CA CYS B 135 21.73 -11.33 22.93
C CYS B 135 23.01 -11.59 22.13
N GLY B 140 27.81 -1.95 16.35
CA GLY B 140 28.35 -0.72 15.74
C GLY B 140 28.28 0.51 16.64
N SER B 141 28.22 1.68 16.00
CA SER B 141 28.20 2.98 16.71
C SER B 141 26.83 3.38 17.30
N SER B 142 25.76 2.65 17.01
CA SER B 142 24.44 2.91 17.65
C SER B 142 23.71 1.63 18.04
N VAL B 143 22.69 1.77 18.89
CA VAL B 143 21.76 0.68 19.19
C VAL B 143 20.32 1.12 18.92
N THR B 144 19.50 0.18 18.46
CA THR B 144 18.11 0.46 18.11
C THR B 144 17.15 -0.36 18.99
N LEU B 145 16.21 0.34 19.62
CA LEU B 145 15.17 -0.26 20.42
C LEU B 145 13.83 0.02 19.77
N GLY B 146 12.78 -0.59 20.30
CA GLY B 146 11.46 -0.29 19.76
C GLY B 146 10.32 -0.79 20.58
N CYS B 147 9.13 -0.50 20.06
CA CYS B 147 7.88 -0.93 20.64
C CYS B 147 7.03 -1.52 19.53
N LEU B 148 6.56 -2.75 19.76
CA LEU B 148 5.58 -3.41 18.91
C LEU B 148 4.19 -3.13 19.49
N VAL B 149 3.33 -2.53 18.67
CA VAL B 149 2.01 -2.06 19.10
C VAL B 149 0.95 -2.89 18.39
N LYS B 150 0.45 -3.92 19.06
CA LYS B 150 -0.26 -5.02 18.38
C LYS B 150 -1.72 -5.10 18.79
N GLY B 151 -2.57 -5.42 17.82
CA GLY B 151 -3.95 -5.85 18.07
C GLY B 151 -4.92 -4.80 18.55
N TYR B 152 -4.81 -3.59 17.99
CA TYR B 152 -5.65 -2.48 18.43
C TYR B 152 -6.68 -2.11 17.38
N PHE B 153 -7.70 -1.41 17.85
CA PHE B 153 -8.78 -0.98 16.99
C PHE B 153 -9.58 0.11 17.70
N PRO B 154 -10.02 1.15 17.01
CA PRO B 154 -9.67 1.48 15.63
C PRO B 154 -8.30 2.20 15.53
N GLU B 155 -7.99 2.78 14.38
CA GLU B 155 -6.82 3.67 14.26
C GLU B 155 -7.17 4.96 15.01
N SER B 156 -6.23 5.79 15.49
CA SER B 156 -4.82 5.70 15.30
C SER B 156 -4.20 5.69 16.67
N VAL B 157 -2.89 5.52 16.67
CA VAL B 157 -2.10 5.60 17.88
C VAL B 157 -1.06 6.64 17.61
N THR B 158 -0.48 7.17 18.69
CA THR B 158 0.69 7.98 18.61
C THR B 158 1.71 7.39 19.55
N VAL B 159 2.96 7.37 19.09
CA VAL B 159 4.06 6.84 19.87
C VAL B 159 5.04 7.98 20.06
N THR B 160 5.39 8.24 21.32
CA THR B 160 6.45 9.19 21.65
C THR B 160 7.49 8.46 22.49
N TRP B 161 8.73 8.90 22.43
CA TRP B 161 9.83 8.28 23.15
C TRP B 161 10.47 9.27 24.13
N ASN B 162 10.90 8.76 25.27
CA ASN B 162 11.70 9.54 26.24
C ASN B 162 13.02 8.79 26.45
N SER B 163 14.10 9.33 25.89
CA SER B 163 15.46 8.76 26.00
C SER B 163 16.37 9.70 26.79
N GLY B 164 15.78 10.53 27.63
CA GLY B 164 16.56 11.37 28.57
C GLY B 164 17.41 12.40 27.85
N SER B 165 18.72 12.41 28.16
CA SER B 165 19.67 13.32 27.49
C SER B 165 20.31 12.72 26.23
N LEU B 166 19.80 11.59 25.75
CA LEU B 166 20.38 10.99 24.56
C LEU B 166 19.81 11.62 23.32
N SER B 167 20.72 11.84 22.36
CA SER B 167 20.32 12.15 21.01
C SER B 167 19.63 10.92 20.44
N SER B 168 18.55 11.11 19.70
CA SER B 168 17.81 9.98 19.18
C SER B 168 17.20 10.24 17.84
N SER B 169 16.97 9.14 17.11
CA SER B 169 16.30 9.16 15.84
C SER B 169 15.14 8.17 15.93
N VAL B 170 13.91 8.68 15.75
CA VAL B 170 12.68 7.89 15.86
C VAL B 170 12.14 7.53 14.47
N HIS B 171 11.74 6.28 14.29
CA HIS B 171 11.09 5.84 13.07
C HIS B 171 9.76 5.23 13.42
N THR B 172 8.67 5.84 13.00
CA THR B 172 7.36 5.32 13.32
C THR B 172 6.71 4.77 12.06
N PHE B 173 6.45 3.45 12.08
CA PHE B 173 6.06 2.71 10.89
C PHE B 173 4.55 2.71 10.74
N PRO B 174 4.02 2.72 9.50
CA PRO B 174 2.57 2.71 9.32
C PRO B 174 1.94 1.38 9.74
N ALA B 175 0.67 1.40 10.06
CA ALA B 175 -0.02 0.21 10.53
C ALA B 175 -0.43 -0.74 9.42
N LEU B 176 -0.49 -2.02 9.76
CA LEU B 176 -1.07 -3.05 8.90
C LEU B 176 -2.34 -3.56 9.53
N LEU B 177 -3.35 -3.79 8.69
CA LEU B 177 -4.61 -4.41 9.14
C LEU B 177 -4.51 -5.90 8.87
N GLN B 178 -4.57 -6.69 9.94
CA GLN B 178 -4.39 -8.15 9.89
C GLN B 178 -5.54 -8.74 10.72
N SER B 179 -6.48 -9.40 10.02
CA SER B 179 -7.66 -10.03 10.65
C SER B 179 -8.51 -9.05 11.49
N GLY B 180 -8.76 -7.86 10.94
CA GLY B 180 -9.59 -6.84 11.59
C GLY B 180 -8.96 -6.03 12.71
N LEU B 181 -7.67 -6.25 12.98
CA LEU B 181 -6.93 -5.53 14.01
C LEU B 181 -5.66 -4.93 13.42
N TYR B 182 -5.25 -3.79 13.95
CA TYR B 182 -4.04 -3.10 13.48
C TYR B 182 -2.82 -3.50 14.28
N THR B 183 -1.68 -3.53 13.59
CA THR B 183 -0.37 -3.67 14.19
C THR B 183 0.52 -2.60 13.60
N MET B 184 1.27 -1.92 14.46
CA MET B 184 2.32 -1.03 14.01
C MET B 184 3.53 -1.17 14.90
N SER B 185 4.61 -0.50 14.54
CA SER B 185 5.77 -0.46 15.40
C SER B 185 6.46 0.89 15.30
N SER B 186 7.30 1.15 16.28
CA SER B 186 8.10 2.36 16.33
C SER B 186 9.46 1.98 16.88
N SER B 187 10.53 2.55 16.32
CA SER B 187 11.88 2.33 16.84
C SER B 187 12.54 3.65 17.22
N VAL B 188 13.49 3.55 18.13
CA VAL B 188 14.32 4.69 18.54
C VAL B 188 15.77 4.22 18.47
N THR B 189 16.64 5.03 17.88
CA THR B 189 18.07 4.72 17.81
C THR B 189 18.82 5.72 18.68
N VAL B 190 19.68 5.19 19.56
CA VAL B 190 20.51 6.00 20.48
C VAL B 190 21.98 5.59 20.34
N PRO B 191 22.91 6.39 20.90
CA PRO B 191 24.33 6.00 20.70
C PRO B 191 24.67 4.69 21.37
N SER B 192 25.57 3.92 20.76
CA SER B 192 25.91 2.61 21.30
C SER B 192 26.63 2.86 22.60
N SER B 193 26.49 1.94 23.54
CA SER B 193 27.11 2.05 24.87
C SER B 193 26.47 3.09 25.81
N THR B 194 25.30 3.65 25.45
CA THR B 194 24.55 4.53 26.33
C THR B 194 23.52 3.73 27.10
N TRP B 195 22.47 3.26 26.40
CA TRP B 195 21.47 2.33 26.96
C TRP B 195 22.16 0.95 27.17
N PRO B 196 21.88 0.21 28.24
CA PRO B 196 20.77 0.40 29.19
C PRO B 196 21.02 1.25 30.42
N SER B 197 22.27 1.64 30.67
CA SER B 197 22.58 2.57 31.75
C SER B 197 21.59 3.74 31.73
N GLN B 198 21.37 4.29 30.53
CA GLN B 198 20.48 5.43 30.36
C GLN B 198 19.13 4.91 29.83
N THR B 199 18.05 5.35 30.49
CA THR B 199 16.71 4.78 30.31
C THR B 199 16.03 5.22 28.99
N VAL B 200 15.27 4.29 28.39
CA VAL B 200 14.49 4.54 27.16
C VAL B 200 13.07 3.93 27.30
N THR B 201 12.05 4.80 27.16
CA THR B 201 10.64 4.46 27.32
C THR B 201 9.77 4.94 26.13
N CYS B 202 8.93 4.07 25.57
CA CYS B 202 7.91 4.47 24.56
C CYS B 202 6.59 4.67 25.27
N SER B 203 5.88 5.73 24.89
CA SER B 203 4.53 5.98 25.37
C SER B 203 3.62 5.85 24.18
N VAL B 204 2.64 4.97 24.28
CA VAL B 204 1.74 4.67 23.16
C VAL B 204 0.36 5.06 23.58
N ALA B 205 -0.19 6.05 22.87
CA ALA B 205 -1.47 6.62 23.20
C ALA B 205 -2.49 6.18 22.18
N HIS B 206 -3.59 5.62 22.65
CA HIS B 206 -4.68 5.17 21.81
C HIS B 206 -5.92 5.90 22.29
N PRO B 207 -6.22 7.06 21.69
CA PRO B 207 -7.30 7.87 22.29
C PRO B 207 -8.68 7.16 22.31
N ALA B 208 -8.95 6.30 21.33
CA ALA B 208 -10.25 5.62 21.24
C ALA B 208 -10.57 4.77 22.48
N SER B 209 -9.56 4.09 23.03
CA SER B 209 -9.73 3.30 24.25
C SER B 209 -9.34 4.08 25.51
N SER B 210 -9.06 5.38 25.37
CA SER B 210 -8.61 6.24 26.49
C SER B 210 -7.42 5.61 27.25
N THR B 211 -6.50 5.01 26.51
CA THR B 211 -5.42 4.23 27.10
C THR B 211 -4.08 4.73 26.59
N THR B 212 -3.18 5.00 27.54
CA THR B 212 -1.78 5.21 27.20
C THR B 212 -0.96 4.23 28.03
N VAL B 213 -0.02 3.60 27.33
CA VAL B 213 0.87 2.63 27.92
C VAL B 213 2.26 3.22 27.84
N ASP B 214 2.98 3.18 28.97
CA ASP B 214 4.35 3.66 29.05
C ASP B 214 5.25 2.43 29.28
N LYS B 215 5.92 1.95 28.22
CA LYS B 215 6.79 0.76 28.31
C LYS B 215 8.25 1.11 28.31
N LYS B 216 8.92 0.81 29.41
CA LYS B 216 10.36 0.88 29.51
C LYS B 216 10.97 -0.34 28.79
N ILE B 217 12.00 -0.10 28.00
CA ILE B 217 12.70 -1.16 27.27
C ILE B 217 13.84 -1.69 28.14
N GLU B 218 13.72 -2.93 28.58
CA GLU B 218 14.72 -3.59 29.46
C GLU B 218 15.66 -4.43 28.60
N PRO B 219 16.94 -4.58 29.01
CA PRO B 219 17.82 -5.50 28.28
C PRO B 219 17.40 -6.96 28.51
N ARG B 220 17.67 -7.83 27.55
CA ARG B 220 17.27 -9.25 27.64
C ARG B 220 18.32 -10.05 28.42
#